data_5IHJ
#
_entry.id   5IHJ
#
_cell.length_a   175.070
_cell.length_b   56.636
_cell.length_c   49.997
_cell.angle_alpha   90.000
_cell.angle_beta   91.600
_cell.angle_gamma   90.000
#
_symmetry.space_group_name_H-M   'C 1 2 1'
#
loop_
_entity.id
_entity.type
_entity.pdbx_description
1 polymer 'Maltose-binding periplasmic protein,Fimbrial protein'
2 branched alpha-D-glucopyranose-(1-4)-alpha-D-glucopyranose-(1-4)-alpha-D-glucopyranose
3 non-polymer (4S)-2-METHYL-2,4-PENTANEDIOL
4 non-polymer GLYCEROL
5 non-polymer 'CALCIUM ION'
6 water water
#
_entity_poly.entity_id   1
_entity_poly.type   'polypeptide(L)'
_entity_poly.pdbx_seq_one_letter_code
;MKIEEGKLVIWINGDKGYNGLAEVGKKFEKDTGIKVTVEHPDKLEEKFPQVAATGDGPDIIFWAHDRFGGYAQSGLLAEI
TPAAAFQAALYPFTWDAVRYNGKLIAYPIAVEALSLIYNKDLLPNPPKTWEEIPALDKELKAKGKSALMFNLQEPYFTWP
LIAADGGYAFKYAAGKYDIKDVGVDNAGAKAGLTFLVDLIKNKHMNADTDYSIAEAAFNKGETAMTINGPWAWSNIDTSA
VNYGVTVLPTFKGQPSKPFVGVLSAGINAASPNKELAKEFLENYLLTDEGLEAVNKDKPLGAVALKSYEEELAKDPRIAA
TMENAQKGEIMPNIPQMSAFWYAVRTAVINAASGRQTVDAALAAAQTNAAAAYQNYIAKSQASEAFTLADGLKTTINTNL
QAGTCFAGGATAVTAADKVSGKYGDAEIGGSAPNCTITYTFKSSGVSNKLTSTKIVMNVSETGILTKNSGTDTPVELLPQ
SFVASGSLEHHHHHH
;
_entity_poly.pdbx_strand_id   A
#
# COMPACT_ATOMS: atom_id res chain seq x y z
N ILE A 3 9.33 -2.58 -18.87
CA ILE A 3 8.37 -1.44 -19.09
C ILE A 3 8.58 -0.89 -20.49
N GLU A 4 7.58 -1.04 -21.36
CA GLU A 4 7.71 -0.62 -22.77
C GLU A 4 7.37 0.87 -23.02
N GLU A 5 8.19 1.53 -23.84
CA GLU A 5 8.05 2.96 -24.15
C GLU A 5 6.85 3.22 -25.10
N GLY A 6 6.21 4.38 -24.95
CA GLY A 6 5.03 4.76 -25.74
C GLY A 6 3.71 4.16 -25.25
N LYS A 7 3.64 3.84 -23.96
CA LYS A 7 2.47 3.20 -23.35
C LYS A 7 2.45 3.59 -21.86
N LEU A 8 1.30 3.41 -21.21
CA LEU A 8 1.17 3.61 -19.78
C LEU A 8 0.42 2.46 -19.14
N VAL A 9 1.10 1.67 -18.32
CA VAL A 9 0.46 0.71 -17.42
C VAL A 9 0.27 1.39 -16.07
N ILE A 10 -0.92 1.29 -15.50
CA ILE A 10 -1.25 1.92 -14.22
C ILE A 10 -1.71 0.83 -13.28
N TRP A 11 -1.26 0.88 -12.02
CA TRP A 11 -1.72 -0.07 -10.99
C TRP A 11 -2.53 0.66 -9.92
N ILE A 12 -3.69 0.11 -9.61
CA ILE A 12 -4.57 0.67 -8.60
C ILE A 12 -5.33 -0.47 -7.92
N ASN A 13 -5.65 -0.29 -6.65
CA ASN A 13 -6.23 -1.39 -5.88
C ASN A 13 -7.66 -1.71 -6.34
N GLY A 14 -8.04 -2.97 -6.21
CA GLY A 14 -9.33 -3.49 -6.69
C GLY A 14 -10.59 -2.92 -6.06
N ASP A 15 -10.46 -2.22 -4.92
CA ASP A 15 -11.61 -1.57 -4.28
C ASP A 15 -11.84 -0.12 -4.74
N LYS A 16 -11.00 0.42 -5.64
CA LYS A 16 -11.13 1.80 -6.11
C LYS A 16 -11.73 1.86 -7.51
N GLY A 17 -12.08 3.07 -7.96
CA GLY A 17 -12.77 3.27 -9.24
C GLY A 17 -11.90 3.12 -10.47
N TYR A 18 -11.39 1.90 -10.69
CA TYR A 18 -10.49 1.62 -11.80
C TYR A 18 -11.14 1.65 -13.18
N ASN A 19 -12.43 1.34 -13.29
CA ASN A 19 -13.17 1.48 -14.55
C ASN A 19 -13.41 2.95 -14.93
N GLY A 20 -13.64 3.80 -13.92
CA GLY A 20 -13.64 5.27 -14.12
C GLY A 20 -12.30 5.79 -14.60
N LEU A 21 -11.21 5.26 -14.03
CA LEU A 21 -9.85 5.63 -14.40
C LEU A 21 -9.47 5.16 -15.80
N ALA A 22 -9.89 3.94 -16.16
CA ALA A 22 -9.70 3.44 -17.53
C ALA A 22 -10.40 4.32 -18.58
N GLU A 23 -11.54 4.93 -18.22
CA GLU A 23 -12.22 5.91 -19.09
C GLU A 23 -11.46 7.23 -19.24
N VAL A 24 -10.79 7.69 -18.18
CA VAL A 24 -9.90 8.85 -18.27
C VAL A 24 -8.68 8.53 -19.16
N GLY A 25 -8.20 7.28 -19.11
CA GLY A 25 -7.12 6.81 -19.98
C GLY A 25 -7.49 6.66 -21.45
N LYS A 26 -8.74 6.25 -21.70
CA LYS A 26 -9.28 6.27 -23.07
C LYS A 26 -9.28 7.69 -23.65
N LYS A 27 -9.71 8.67 -22.85
CA LYS A 27 -9.65 10.09 -23.23
C LYS A 27 -8.21 10.53 -23.61
N PHE A 28 -7.23 10.08 -22.82
CA PHE A 28 -5.80 10.35 -23.09
C PHE A 28 -5.35 9.74 -24.42
N GLU A 29 -5.66 8.45 -24.61
CA GLU A 29 -5.33 7.71 -25.83
C GLU A 29 -5.88 8.33 -27.09
N LYS A 30 -7.11 8.84 -27.03
CA LYS A 30 -7.69 9.48 -28.20
C LYS A 30 -7.00 10.80 -28.53
N ASP A 31 -6.54 11.54 -27.51
CA ASP A 31 -5.84 12.81 -27.73
C ASP A 31 -4.40 12.60 -28.22
N THR A 32 -3.64 11.73 -27.55
CA THR A 32 -2.22 11.53 -27.80
C THR A 32 -1.85 10.36 -28.71
N GLY A 33 -2.73 9.38 -28.83
CA GLY A 33 -2.40 8.11 -29.49
C GLY A 33 -1.65 7.13 -28.59
N ILE A 34 -1.58 7.43 -27.28
CA ILE A 34 -0.85 6.61 -26.31
C ILE A 34 -1.81 5.63 -25.61
N LYS A 35 -1.57 4.33 -25.77
CA LYS A 35 -2.40 3.31 -25.13
C LYS A 35 -2.19 3.31 -23.61
N VAL A 36 -3.30 3.30 -22.86
CA VAL A 36 -3.30 3.25 -21.39
C VAL A 36 -3.93 1.93 -20.95
N THR A 37 -3.36 1.31 -19.93
CA THR A 37 -3.89 0.07 -19.38
C THR A 37 -3.93 0.22 -17.87
N VAL A 38 -5.11 0.02 -17.29
CA VAL A 38 -5.33 0.05 -15.88
C VAL A 38 -5.47 -1.39 -15.44
N GLU A 39 -4.65 -1.80 -14.49
CA GLU A 39 -4.72 -3.14 -13.90
C GLU A 39 -4.86 -3.02 -12.39
N HIS A 40 -5.38 -4.08 -11.78
CA HIS A 40 -5.58 -4.13 -10.33
C HIS A 40 -5.17 -5.50 -9.80
N PRO A 41 -3.87 -5.84 -9.89
CA PRO A 41 -3.44 -7.16 -9.44
C PRO A 41 -3.51 -7.27 -7.93
N ASP A 42 -3.79 -8.47 -7.42
CA ASP A 42 -3.90 -8.69 -5.98
C ASP A 42 -2.54 -8.43 -5.29
N LYS A 43 -2.60 -7.80 -4.12
CA LYS A 43 -1.43 -7.38 -3.35
C LYS A 43 -0.37 -6.63 -4.18
N LEU A 44 -0.83 -5.62 -4.92
CA LEU A 44 0.06 -4.83 -5.79
C LEU A 44 1.08 -3.97 -5.04
N GLU A 45 0.69 -3.54 -3.84
CA GLU A 45 1.55 -2.74 -2.97
C GLU A 45 2.78 -3.51 -2.46
N GLU A 46 2.67 -4.84 -2.37
CA GLU A 46 3.82 -5.72 -2.08
C GLU A 46 4.49 -6.31 -3.34
N LYS A 47 3.75 -6.41 -4.46
CA LYS A 47 4.34 -6.82 -5.74
C LYS A 47 5.15 -5.71 -6.38
N PHE A 48 4.76 -4.45 -6.14
CA PHE A 48 5.39 -3.30 -6.82
C PHE A 48 6.90 -3.16 -6.56
N PRO A 49 7.34 -3.25 -5.28
CA PRO A 49 8.76 -3.27 -4.97
C PRO A 49 9.57 -4.36 -5.66
N GLN A 50 9.02 -5.57 -5.75
CA GLN A 50 9.72 -6.72 -6.35
C GLN A 50 9.92 -6.54 -7.86
N VAL A 51 8.86 -6.11 -8.54
CA VAL A 51 8.90 -5.91 -10.00
C VAL A 51 9.67 -4.66 -10.44
N ALA A 52 9.52 -3.56 -9.71
CA ALA A 52 10.25 -2.32 -10.05
C ALA A 52 11.74 -2.48 -9.79
N ALA A 53 12.09 -3.30 -8.79
CA ALA A 53 13.48 -3.74 -8.57
C ALA A 53 14.12 -4.37 -9.81
N THR A 54 13.35 -5.12 -10.60
CA THR A 54 13.83 -5.73 -11.86
C THR A 54 13.56 -4.91 -13.13
N GLY A 55 13.22 -3.62 -12.99
CA GLY A 55 12.88 -2.76 -14.15
C GLY A 55 11.57 -3.14 -14.84
N ASP A 56 10.54 -3.41 -14.05
CA ASP A 56 9.24 -3.85 -14.57
C ASP A 56 8.07 -3.25 -13.76
N GLY A 57 6.86 -3.78 -13.93
CA GLY A 57 5.70 -3.22 -13.26
C GLY A 57 5.17 -1.97 -13.96
N PRO A 58 4.25 -1.26 -13.29
CA PRO A 58 3.50 -0.18 -13.92
C PRO A 58 4.31 1.10 -14.09
N ASP A 59 3.87 1.97 -15.00
CA ASP A 59 4.42 3.32 -15.10
C ASP A 59 4.00 4.18 -13.90
N ILE A 60 2.75 3.98 -13.43
CA ILE A 60 2.12 4.74 -12.31
C ILE A 60 1.53 3.77 -11.27
N ILE A 61 1.66 4.14 -10.00
CA ILE A 61 1.21 3.33 -8.85
C ILE A 61 0.30 4.16 -7.93
N PHE A 62 -0.93 3.67 -7.73
CA PHE A 62 -1.89 4.28 -6.82
C PHE A 62 -1.96 3.49 -5.53
N TRP A 63 -1.79 4.17 -4.42
CA TRP A 63 -2.03 3.58 -3.10
C TRP A 63 -2.15 4.75 -2.14
N ALA A 64 -2.56 4.46 -0.91
CA ALA A 64 -2.42 5.42 0.19
C ALA A 64 -0.96 5.79 0.46
N HIS A 65 -0.80 7.03 0.93
CA HIS A 65 0.49 7.65 1.11
C HIS A 65 1.40 6.96 2.13
N ASP A 66 0.83 6.16 3.06
CA ASP A 66 1.65 5.45 4.05
C ASP A 66 2.73 4.58 3.44
N ARG A 67 2.46 3.96 2.29
CA ARG A 67 3.48 3.10 1.64
C ARG A 67 4.59 3.79 0.82
N PHE A 68 4.48 5.10 0.59
CA PHE A 68 5.40 5.79 -0.34
C PHE A 68 6.79 6.15 0.18
N GLY A 69 6.96 6.32 1.50
CA GLY A 69 8.30 6.54 2.08
C GLY A 69 9.22 5.33 1.91
N GLY A 70 8.66 4.13 2.09
CA GLY A 70 9.39 2.88 1.84
C GLY A 70 9.84 2.72 0.39
N TYR A 71 8.96 3.08 -0.55
CA TYR A 71 9.31 3.04 -1.97
C TYR A 71 10.40 4.06 -2.29
N ALA A 72 10.19 5.30 -1.83
CA ALA A 72 11.17 6.39 -2.02
C ALA A 72 12.55 6.06 -1.45
N GLN A 73 12.57 5.60 -0.20
CA GLN A 73 13.80 5.20 0.49
C GLN A 73 14.61 4.19 -0.31
N SER A 74 13.93 3.27 -1.00
CA SER A 74 14.57 2.26 -1.85
C SER A 74 14.86 2.73 -3.29
N GLY A 75 14.67 4.01 -3.60
CA GLY A 75 14.94 4.54 -4.92
C GLY A 75 14.03 4.03 -6.03
N LEU A 76 12.78 3.72 -5.69
CA LEU A 76 11.82 3.17 -6.67
C LEU A 76 10.86 4.20 -7.32
N LEU A 77 10.91 5.46 -6.87
CA LEU A 77 9.99 6.51 -7.35
C LEU A 77 10.74 7.69 -7.94
N ALA A 78 10.15 8.31 -8.97
CA ALA A 78 10.70 9.54 -9.51
C ALA A 78 10.22 10.71 -8.67
N GLU A 79 11.11 11.69 -8.49
CA GLU A 79 10.76 12.93 -7.80
C GLU A 79 9.83 13.69 -8.72
N ILE A 80 8.69 14.11 -8.20
CA ILE A 80 7.73 14.89 -8.98
C ILE A 80 7.98 16.36 -8.67
N THR A 81 7.92 17.21 -9.70
CA THR A 81 8.34 18.61 -9.59
C THR A 81 7.42 19.51 -10.42
N PRO A 82 6.16 19.66 -9.99
CA PRO A 82 5.18 20.49 -10.72
C PRO A 82 5.38 21.98 -10.50
N ALA A 83 4.83 22.78 -11.42
CA ALA A 83 4.88 24.24 -11.30
C ALA A 83 4.07 24.66 -10.09
N ALA A 84 4.40 25.81 -9.48
CA ALA A 84 3.68 26.29 -8.30
C ALA A 84 2.23 26.64 -8.63
N ALA A 85 1.99 27.05 -9.87
CA ALA A 85 0.64 27.25 -10.39
C ALA A 85 -0.18 25.95 -10.29
N PHE A 86 0.41 24.82 -10.67
CA PHE A 86 -0.27 23.53 -10.47
C PHE A 86 -0.46 23.17 -9.00
N GLN A 87 0.57 23.35 -8.18
CA GLN A 87 0.50 23.04 -6.74
C GLN A 87 -0.52 23.86 -5.96
N ALA A 88 -0.79 25.08 -6.43
CA ALA A 88 -1.80 25.96 -5.83
C ALA A 88 -3.24 25.45 -6.03
N ALA A 89 -3.44 24.59 -7.03
CA ALA A 89 -4.74 23.96 -7.29
C ALA A 89 -5.14 22.87 -6.26
N LEU A 90 -4.19 22.28 -5.54
CA LEU A 90 -4.48 21.29 -4.47
C LEU A 90 -4.33 21.91 -3.09
N TYR A 91 -4.96 21.29 -2.08
CA TYR A 91 -4.81 21.76 -0.69
C TYR A 91 -3.37 21.53 -0.19
N PRO A 92 -2.80 22.51 0.56
CA PRO A 92 -1.40 22.36 1.01
C PRO A 92 -1.12 21.15 1.90
N PHE A 93 -2.06 20.80 2.77
CA PHE A 93 -1.88 19.66 3.67
C PHE A 93 -1.80 18.32 2.93
N THR A 94 -2.40 18.22 1.73
CA THR A 94 -2.29 16.99 0.93
C THR A 94 -0.91 16.81 0.30
N TRP A 95 -0.26 17.92 -0.05
CA TRP A 95 1.15 17.90 -0.44
C TRP A 95 2.06 17.45 0.70
N ASP A 96 1.77 17.87 1.94
CA ASP A 96 2.56 17.44 3.12
C ASP A 96 2.61 15.92 3.26
N ALA A 97 1.48 15.26 2.98
CA ALA A 97 1.38 13.79 3.06
C ALA A 97 2.29 13.03 2.07
N VAL A 98 2.63 13.67 0.95
CA VAL A 98 3.51 13.07 -0.08
C VAL A 98 4.92 13.72 -0.13
N ARG A 99 5.29 14.43 0.93
CA ARG A 99 6.65 14.95 1.10
C ARG A 99 7.47 13.99 1.94
N TYR A 100 8.51 13.40 1.34
CA TYR A 100 9.46 12.57 2.06
C TYR A 100 10.81 13.23 1.90
N ASN A 101 11.41 13.61 3.03
CA ASN A 101 12.81 14.01 3.04
C ASN A 101 13.05 15.30 2.24
N GLY A 102 12.11 16.25 2.33
CA GLY A 102 12.16 17.46 1.52
C GLY A 102 11.69 17.34 0.08
N LYS A 103 11.51 16.13 -0.44
CA LYS A 103 11.12 15.91 -1.84
C LYS A 103 9.67 15.42 -1.96
N LEU A 104 8.92 16.03 -2.88
CA LEU A 104 7.59 15.54 -3.24
C LEU A 104 7.79 14.24 -4.02
N ILE A 105 7.13 13.16 -3.60
CA ILE A 105 7.33 11.81 -4.22
C ILE A 105 6.07 11.19 -4.87
N ALA A 106 4.97 11.94 -4.92
CA ALA A 106 3.71 11.46 -5.52
C ALA A 106 2.77 12.64 -5.74
N TYR A 107 1.69 12.39 -6.51
CA TYR A 107 0.56 13.32 -6.63
C TYR A 107 -0.54 12.92 -5.65
N PRO A 108 -0.93 13.84 -4.76
CA PRO A 108 -2.10 13.55 -3.94
C PRO A 108 -3.39 13.69 -4.76
N ILE A 109 -4.33 12.79 -4.48
CA ILE A 109 -5.58 12.65 -5.24
C ILE A 109 -6.80 12.89 -4.34
N ALA A 110 -6.88 12.16 -3.22
CA ALA A 110 -8.03 12.23 -2.35
C ALA A 110 -7.75 11.78 -0.91
N VAL A 111 -8.58 12.25 0.01
CA VAL A 111 -8.46 12.02 1.43
C VAL A 111 -9.63 11.18 1.91
N GLU A 112 -9.31 10.11 2.62
CA GLU A 112 -10.28 9.10 2.99
C GLU A 112 -10.10 8.73 4.45
N ALA A 113 -11.22 8.70 5.17
CA ALA A 113 -11.29 8.15 6.53
C ALA A 113 -12.50 7.23 6.65
N LEU A 114 -12.38 6.23 7.51
CA LEU A 114 -13.48 5.33 7.81
C LEU A 114 -14.61 6.10 8.52
N SER A 115 -15.85 5.70 8.26
CA SER A 115 -17.04 6.17 9.00
C SER A 115 -17.90 4.98 9.46
N LEU A 116 -18.86 5.27 10.33
CA LEU A 116 -19.90 4.33 10.68
C LEU A 116 -21.01 4.41 9.64
N ILE A 117 -21.32 3.28 9.02
CA ILE A 117 -22.39 3.21 8.04
C ILE A 117 -23.53 2.41 8.70
N TYR A 118 -24.76 2.95 8.67
CA TYR A 118 -25.96 2.30 9.31
C TYR A 118 -27.20 2.31 8.41
N ASN A 119 -27.99 1.26 8.59
CA ASN A 119 -29.23 0.99 7.87
C ASN A 119 -30.37 1.72 8.60
N LYS A 120 -30.95 2.75 7.96
CA LYS A 120 -31.94 3.61 8.62
C LYS A 120 -33.28 2.93 8.93
N ASP A 121 -33.61 1.87 8.21
CA ASP A 121 -34.79 1.05 8.49
C ASP A 121 -34.64 0.12 9.69
N LEU A 122 -33.46 -0.47 9.86
CA LEU A 122 -33.19 -1.26 11.05
C LEU A 122 -32.89 -0.37 12.25
N LEU A 123 -32.37 0.83 12.03
CA LEU A 123 -31.78 1.60 13.10
C LEU A 123 -31.88 3.09 12.82
N PRO A 124 -33.08 3.66 12.97
CA PRO A 124 -33.23 5.11 12.75
C PRO A 124 -32.28 5.98 13.60
N ASN A 125 -31.95 5.52 14.81
CA ASN A 125 -31.05 6.24 15.73
C ASN A 125 -29.87 5.36 16.13
N PRO A 126 -28.72 5.47 15.43
CA PRO A 126 -27.58 4.59 15.74
C PRO A 126 -26.87 4.97 17.05
N PRO A 127 -26.18 4.01 17.72
CA PRO A 127 -25.55 4.32 19.02
C PRO A 127 -24.40 5.28 18.90
N LYS A 128 -24.23 6.14 19.90
CA LYS A 128 -23.11 7.06 19.94
C LYS A 128 -21.87 6.45 20.63
N THR A 129 -22.00 5.29 21.28
CA THR A 129 -20.90 4.67 22.05
C THR A 129 -20.72 3.22 21.64
N TRP A 130 -19.47 2.73 21.73
CA TRP A 130 -19.16 1.30 21.51
C TRP A 130 -19.81 0.43 22.57
N GLU A 131 -19.90 0.96 23.79
CA GLU A 131 -20.43 0.22 24.94
C GLU A 131 -21.92 -0.17 24.82
N GLU A 132 -22.71 0.54 24.00
CA GLU A 132 -24.11 0.16 23.71
C GLU A 132 -24.23 -1.04 22.78
N ILE A 133 -23.21 -1.29 21.95
CA ILE A 133 -23.36 -2.22 20.81
C ILE A 133 -23.75 -3.65 21.24
N PRO A 134 -23.16 -4.18 22.32
CA PRO A 134 -23.52 -5.56 22.71
C PRO A 134 -25.01 -5.80 23.02
N ALA A 135 -25.61 -4.92 23.82
CA ALA A 135 -27.04 -5.03 24.17
C ALA A 135 -27.93 -4.76 22.96
N LEU A 136 -27.48 -3.90 22.06
CA LEU A 136 -28.12 -3.72 20.76
C LEU A 136 -28.06 -5.01 19.91
N ASP A 137 -26.89 -5.66 19.86
CA ASP A 137 -26.79 -6.92 19.13
C ASP A 137 -27.72 -7.99 19.68
N LYS A 138 -27.76 -8.12 21.01
CA LYS A 138 -28.70 -9.04 21.68
C LYS A 138 -30.17 -8.86 21.26
N GLU A 139 -30.65 -7.62 21.27
CA GLU A 139 -32.01 -7.33 20.85
C GLU A 139 -32.27 -7.66 19.36
N LEU A 140 -31.35 -7.24 18.47
CA LEU A 140 -31.42 -7.56 17.03
C LEU A 140 -31.34 -9.05 16.69
N LYS A 141 -30.56 -9.82 17.44
CA LYS A 141 -30.53 -11.28 17.23
C LYS A 141 -31.89 -11.96 17.41
N ALA A 142 -32.68 -11.49 18.39
CA ALA A 142 -34.05 -11.95 18.58
C ALA A 142 -34.87 -11.82 17.29
N LYS A 143 -34.58 -10.78 16.51
CA LYS A 143 -35.24 -10.57 15.22
C LYS A 143 -34.50 -11.17 14.00
N GLY A 144 -33.54 -12.07 14.21
CA GLY A 144 -32.75 -12.64 13.10
C GLY A 144 -31.73 -11.71 12.43
N LYS A 145 -31.28 -10.69 13.16
CA LYS A 145 -30.31 -9.70 12.65
C LYS A 145 -29.12 -9.57 13.61
N SER A 146 -28.08 -8.89 13.14
CA SER A 146 -26.92 -8.52 13.97
C SER A 146 -26.69 -7.02 13.88
N ALA A 147 -26.01 -6.49 14.89
CA ALA A 147 -25.81 -5.06 15.00
C ALA A 147 -24.70 -4.54 14.08
N LEU A 148 -23.56 -5.22 14.03
CA LEU A 148 -22.35 -4.71 13.42
C LEU A 148 -21.49 -5.83 12.80
N MET A 149 -21.09 -5.63 11.52
CA MET A 149 -20.09 -6.45 10.88
C MET A 149 -19.14 -5.55 10.07
N PHE A 150 -17.84 -5.80 10.23
CA PHE A 150 -16.80 -5.14 9.47
C PHE A 150 -15.59 -6.06 9.32
N ASN A 151 -14.64 -5.62 8.49
CA ASN A 151 -13.47 -6.41 8.19
C ASN A 151 -12.51 -6.51 9.39
N LEU A 152 -12.55 -7.64 10.09
CA LEU A 152 -11.60 -7.92 11.17
C LEU A 152 -10.22 -8.41 10.73
N GLN A 153 -10.05 -8.80 9.46
CA GLN A 153 -8.77 -9.32 8.97
C GLN A 153 -7.70 -8.23 8.69
N GLU A 154 -8.11 -6.97 8.57
CA GLU A 154 -7.20 -5.89 8.19
C GLU A 154 -7.18 -4.88 9.32
N PRO A 155 -6.00 -4.60 9.91
CA PRO A 155 -5.97 -3.73 11.10
C PRO A 155 -6.41 -2.26 10.88
N TYR A 156 -6.43 -1.78 9.64
CA TYR A 156 -6.99 -0.46 9.32
C TYR A 156 -8.36 -0.24 9.94
N PHE A 157 -9.17 -1.32 9.97
CA PHE A 157 -10.56 -1.28 10.41
C PHE A 157 -10.73 -1.37 11.91
N THR A 158 -9.83 -2.07 12.59
CA THR A 158 -9.85 -2.16 14.07
C THR A 158 -9.09 -1.02 14.76
N TRP A 159 -8.15 -0.41 14.03
CA TRP A 159 -7.34 0.69 14.56
C TRP A 159 -8.07 1.83 15.27
N PRO A 160 -9.20 2.33 14.69
CA PRO A 160 -9.88 3.46 15.32
C PRO A 160 -10.31 3.18 16.77
N LEU A 161 -10.66 1.92 17.06
CA LEU A 161 -11.02 1.51 18.40
C LEU A 161 -9.78 1.41 19.29
N ILE A 162 -8.70 0.81 18.79
CA ILE A 162 -7.44 0.70 19.56
C ILE A 162 -6.86 2.06 19.90
N ALA A 163 -6.91 3.00 18.95
CA ALA A 163 -6.41 4.38 19.18
C ALA A 163 -7.26 5.19 20.15
N ALA A 164 -8.55 4.86 20.28
CA ALA A 164 -9.51 5.69 21.03
C ALA A 164 -9.06 6.08 22.44
N ASP A 165 -8.59 5.10 23.22
CA ASP A 165 -8.18 5.33 24.60
C ASP A 165 -6.66 5.46 24.80
N GLY A 166 -5.89 5.54 23.71
CA GLY A 166 -4.46 5.93 23.80
C GLY A 166 -3.39 5.17 23.03
N GLY A 167 -3.79 4.23 22.18
CA GLY A 167 -2.87 3.59 21.24
C GLY A 167 -2.35 4.58 20.21
N TYR A 168 -1.08 4.46 19.85
CA TYR A 168 -0.50 5.21 18.73
C TYR A 168 0.46 4.31 17.95
N ALA A 169 0.92 4.79 16.80
CA ALA A 169 1.86 4.05 15.96
C ALA A 169 3.31 4.31 16.40
N PHE A 170 3.80 5.52 16.16
CA PHE A 170 5.14 5.92 16.57
C PHE A 170 5.01 7.28 17.27
N LYS A 171 5.60 7.43 18.45
CA LYS A 171 5.56 8.73 19.15
C LYS A 171 6.18 9.86 18.31
N TYR A 172 5.58 11.06 18.36
CA TYR A 172 6.06 12.21 17.61
C TYR A 172 6.81 13.15 18.54
N ALA A 173 8.14 13.10 18.47
CA ALA A 173 9.03 13.79 19.41
C ALA A 173 9.61 15.06 18.77
N ALA A 174 8.76 16.08 18.64
CA ALA A 174 9.18 17.36 18.08
C ALA A 174 10.03 17.19 16.83
N GLY A 175 9.42 17.42 15.67
CA GLY A 175 10.12 17.35 14.40
C GLY A 175 10.25 15.94 13.86
N LYS A 176 10.64 15.01 14.71
CA LYS A 176 10.86 13.62 14.28
C LYS A 176 9.88 12.60 14.92
N TYR A 177 9.73 11.46 14.25
CA TYR A 177 9.11 10.26 14.83
C TYR A 177 10.16 9.43 15.58
N ASP A 178 9.84 9.03 16.80
CA ASP A 178 10.65 8.07 17.54
C ASP A 178 10.20 6.66 17.14
N ILE A 179 11.01 6.04 16.28
CA ILE A 179 10.67 4.72 15.72
C ILE A 179 10.82 3.50 16.67
N LYS A 180 11.43 3.69 17.85
CA LYS A 180 11.51 2.63 18.86
C LYS A 180 10.46 2.82 19.97
N ASP A 181 9.61 3.85 19.84
CA ASP A 181 8.50 4.10 20.75
C ASP A 181 7.23 3.79 20.00
N VAL A 182 6.94 2.51 19.89
CA VAL A 182 5.68 2.02 19.35
C VAL A 182 4.59 2.11 20.45
N GLY A 183 3.36 2.47 20.08
CA GLY A 183 2.33 2.80 21.09
C GLY A 183 1.18 1.81 21.20
N VAL A 184 1.50 0.54 21.09
CA VAL A 184 0.52 -0.56 21.11
C VAL A 184 0.55 -1.33 22.46
N ASP A 185 1.68 -1.30 23.17
CA ASP A 185 1.89 -2.01 24.43
C ASP A 185 1.57 -1.08 25.61
N ASN A 186 0.35 -0.57 25.65
CA ASN A 186 -0.09 0.35 26.71
C ASN A 186 -1.55 0.06 27.06
N ALA A 187 -1.97 0.51 28.24
CA ALA A 187 -3.29 0.21 28.80
C ALA A 187 -4.45 0.66 27.89
N GLY A 188 -4.26 1.77 27.20
CA GLY A 188 -5.30 2.33 26.33
C GLY A 188 -5.59 1.49 25.11
N ALA A 189 -4.53 1.02 24.46
CA ALA A 189 -4.65 0.09 23.37
C ALA A 189 -5.16 -1.25 23.88
N LYS A 190 -4.69 -1.68 25.05
CA LYS A 190 -5.19 -2.94 25.65
C LYS A 190 -6.70 -2.92 25.93
N ALA A 191 -7.22 -1.79 26.40
CA ALA A 191 -8.65 -1.63 26.65
C ALA A 191 -9.46 -1.79 25.35
N GLY A 192 -9.03 -1.07 24.32
CA GLY A 192 -9.58 -1.16 22.97
C GLY A 192 -9.64 -2.54 22.38
N LEU A 193 -8.50 -3.22 22.36
CA LEU A 193 -8.46 -4.59 21.84
C LEU A 193 -9.23 -5.58 22.70
N THR A 194 -9.21 -5.41 24.03
CA THR A 194 -10.03 -6.26 24.93
C THR A 194 -11.53 -6.16 24.65
N PHE A 195 -12.03 -4.96 24.36
CA PHE A 195 -13.46 -4.75 24.09
C PHE A 195 -13.83 -5.53 22.82
N LEU A 196 -12.96 -5.46 21.83
CA LEU A 196 -13.13 -6.17 20.58
C LEU A 196 -13.11 -7.69 20.71
N VAL A 197 -12.18 -8.21 21.48
CA VAL A 197 -12.09 -9.64 21.73
C VAL A 197 -13.29 -10.15 22.52
N ASP A 198 -13.80 -9.34 23.46
CA ASP A 198 -15.03 -9.70 24.20
C ASP A 198 -16.27 -9.73 23.28
N LEU A 199 -16.33 -8.84 22.28
CA LEU A 199 -17.37 -8.92 21.25
C LEU A 199 -17.35 -10.28 20.57
N ILE A 200 -16.17 -10.77 20.20
CA ILE A 200 -16.06 -12.12 19.62
C ILE A 200 -16.48 -13.16 20.67
N LYS A 201 -15.94 -13.06 21.89
CA LYS A 201 -16.25 -14.03 22.95
C LYS A 201 -17.73 -14.12 23.36
N ASN A 202 -18.43 -12.98 23.34
CA ASN A 202 -19.85 -12.95 23.64
C ASN A 202 -20.73 -13.18 22.39
N LYS A 203 -20.13 -13.65 21.30
CA LYS A 203 -20.83 -14.08 20.08
C LYS A 203 -21.64 -12.97 19.42
N HIS A 204 -21.10 -11.76 19.45
CA HIS A 204 -21.65 -10.63 18.72
C HIS A 204 -20.97 -10.46 17.36
N MET A 205 -19.76 -11.02 17.23
CA MET A 205 -19.03 -11.02 15.98
C MET A 205 -18.26 -12.30 15.87
N ASN A 206 -17.90 -12.60 14.63
CA ASN A 206 -17.16 -13.77 14.25
C ASN A 206 -15.75 -13.35 13.86
N ALA A 207 -14.75 -14.08 14.34
CA ALA A 207 -13.34 -13.69 14.16
C ALA A 207 -12.86 -13.80 12.74
N ASP A 208 -13.47 -14.66 11.94
CA ASP A 208 -13.12 -14.76 10.52
C ASP A 208 -13.92 -13.86 9.55
N THR A 209 -14.72 -12.92 10.07
CA THR A 209 -15.40 -11.92 9.22
C THR A 209 -14.34 -11.10 8.44
N ASP A 210 -14.46 -11.11 7.11
CA ASP A 210 -13.55 -10.38 6.23
C ASP A 210 -14.32 -9.29 5.46
N TYR A 211 -13.63 -8.60 4.55
CA TYR A 211 -14.23 -7.48 3.81
C TYR A 211 -15.53 -7.85 3.06
N SER A 212 -15.52 -8.98 2.33
CA SER A 212 -16.66 -9.35 1.47
C SER A 212 -17.87 -9.90 2.24
N ILE A 213 -17.62 -10.65 3.31
CA ILE A 213 -18.68 -11.10 4.21
C ILE A 213 -19.39 -9.89 4.85
N ALA A 214 -18.63 -8.96 5.42
CA ALA A 214 -19.23 -7.77 6.05
C ALA A 214 -20.02 -6.91 5.05
N GLU A 215 -19.47 -6.75 3.85
CA GLU A 215 -20.10 -5.97 2.80
C GLU A 215 -21.44 -6.59 2.33
N ALA A 216 -21.41 -7.89 2.02
CA ALA A 216 -22.62 -8.66 1.63
C ALA A 216 -23.71 -8.61 2.69
N ALA A 217 -23.32 -8.77 3.96
CA ALA A 217 -24.32 -8.78 5.04
C ALA A 217 -25.01 -7.42 5.21
N PHE A 218 -24.22 -6.34 5.21
CA PHE A 218 -24.83 -5.00 5.26
C PHE A 218 -25.71 -4.70 4.05
N ASN A 219 -25.21 -4.99 2.86
CA ASN A 219 -25.90 -4.65 1.61
C ASN A 219 -27.15 -5.48 1.35
N LYS A 220 -27.22 -6.67 1.95
CA LYS A 220 -28.44 -7.52 1.96
C LYS A 220 -29.34 -7.32 3.19
N GLY A 221 -29.00 -6.37 4.07
CA GLY A 221 -29.86 -6.08 5.21
C GLY A 221 -29.77 -7.07 6.37
N GLU A 222 -28.73 -7.90 6.41
CA GLU A 222 -28.54 -8.87 7.51
C GLU A 222 -27.95 -8.24 8.79
N THR A 223 -27.20 -7.13 8.63
CA THR A 223 -26.55 -6.43 9.75
C THR A 223 -26.86 -4.92 9.70
N ALA A 224 -27.03 -4.31 10.87
CA ALA A 224 -27.53 -2.96 10.99
C ALA A 224 -26.47 -1.91 10.73
N MET A 225 -25.21 -2.26 11.00
CA MET A 225 -24.10 -1.33 10.85
C MET A 225 -22.89 -2.01 10.25
N THR A 226 -22.09 -1.20 9.56
CA THR A 226 -20.74 -1.59 9.21
C THR A 226 -19.84 -0.39 9.41
N ILE A 227 -18.54 -0.63 9.27
CA ILE A 227 -17.51 0.43 9.27
C ILE A 227 -16.76 0.31 7.95
N ASN A 228 -16.67 1.42 7.22
CA ASN A 228 -16.06 1.39 5.91
C ASN A 228 -15.82 2.78 5.38
N GLY A 229 -15.15 2.88 4.24
CA GLY A 229 -14.79 4.17 3.64
C GLY A 229 -15.65 4.56 2.44
N PRO A 230 -15.39 5.76 1.87
CA PRO A 230 -16.15 6.29 0.74
C PRO A 230 -16.27 5.37 -0.47
N TRP A 231 -15.22 4.60 -0.74
CA TRP A 231 -15.22 3.65 -1.87
C TRP A 231 -16.37 2.63 -1.85
N ALA A 232 -16.86 2.27 -0.66
CA ALA A 232 -17.93 1.29 -0.49
C ALA A 232 -19.36 1.81 -0.76
N TRP A 233 -19.55 3.13 -0.82
CA TRP A 233 -20.89 3.73 -0.90
C TRP A 233 -21.59 3.37 -2.21
N SER A 234 -20.81 3.34 -3.28
CA SER A 234 -21.30 2.95 -4.63
C SER A 234 -22.08 1.62 -4.64
N ASN A 235 -21.53 0.58 -4.02
CA ASN A 235 -22.23 -0.72 -3.98
C ASN A 235 -23.52 -0.71 -3.14
N ILE A 236 -23.54 0.06 -2.05
CA ILE A 236 -24.74 0.19 -1.23
C ILE A 236 -25.81 0.99 -1.99
N ASP A 237 -25.39 1.93 -2.86
CA ASP A 237 -26.35 2.67 -3.67
C ASP A 237 -27.27 1.77 -4.52
N THR A 238 -26.73 0.69 -5.10
CA THR A 238 -27.53 -0.17 -5.98
C THR A 238 -28.18 -1.36 -5.23
N SER A 239 -27.92 -1.48 -3.94
CA SER A 239 -28.71 -2.39 -3.08
C SER A 239 -30.00 -1.72 -2.62
N ALA A 240 -30.77 -2.46 -1.83
CA ALA A 240 -32.07 -1.99 -1.31
C ALA A 240 -31.95 -1.09 -0.08
N VAL A 241 -30.76 -1.05 0.54
CA VAL A 241 -30.58 -0.42 1.84
C VAL A 241 -30.68 1.10 1.75
N ASN A 242 -31.43 1.68 2.69
CA ASN A 242 -31.41 3.13 2.93
C ASN A 242 -30.37 3.42 4.02
N TYR A 243 -29.23 3.99 3.60
CA TYR A 243 -28.07 4.11 4.50
C TYR A 243 -27.73 5.54 4.89
N GLY A 244 -27.16 5.67 6.10
CA GLY A 244 -26.59 6.93 6.60
C GLY A 244 -25.11 6.77 6.90
N VAL A 245 -24.38 7.87 6.87
CA VAL A 245 -22.92 7.87 7.11
C VAL A 245 -22.69 8.84 8.25
N THR A 246 -22.10 8.37 9.35
CA THR A 246 -21.97 9.20 10.55
C THR A 246 -20.65 9.05 11.27
N VAL A 247 -20.53 9.75 12.39
CA VAL A 247 -19.33 9.74 13.23
C VAL A 247 -19.21 8.38 13.88
N LEU A 248 -18.01 7.83 13.94
CA LEU A 248 -17.77 6.56 14.62
C LEU A 248 -18.12 6.70 16.10
N PRO A 249 -18.50 5.60 16.77
CA PRO A 249 -18.92 5.74 18.17
C PRO A 249 -17.75 6.04 19.10
N THR A 250 -18.04 6.64 20.26
CA THR A 250 -17.02 6.89 21.28
C THR A 250 -16.70 5.60 22.04
N PHE A 251 -15.50 5.55 22.64
CA PHE A 251 -15.10 4.45 23.52
C PHE A 251 -14.47 5.06 24.77
N LYS A 252 -15.01 4.70 25.93
CA LYS A 252 -14.66 5.31 27.20
C LYS A 252 -14.78 6.83 27.19
N GLY A 253 -15.79 7.32 26.47
CA GLY A 253 -16.10 8.74 26.38
C GLY A 253 -15.22 9.52 25.43
N GLN A 254 -14.40 8.82 24.64
CA GLN A 254 -13.44 9.46 23.76
C GLN A 254 -13.70 9.03 22.34
N PRO A 255 -13.50 9.95 21.37
CA PRO A 255 -13.75 9.58 19.98
C PRO A 255 -12.88 8.44 19.49
N SER A 256 -13.40 7.68 18.54
CA SER A 256 -12.59 6.78 17.75
C SER A 256 -11.71 7.61 16.82
N LYS A 257 -10.51 7.13 16.55
CA LYS A 257 -9.46 7.94 15.92
C LYS A 257 -8.93 7.17 14.74
N PRO A 258 -9.61 7.28 13.60
CA PRO A 258 -9.12 6.59 12.40
C PRO A 258 -7.81 7.16 11.86
N PHE A 259 -6.99 6.30 11.25
CA PHE A 259 -5.81 6.73 10.53
C PHE A 259 -6.26 7.18 9.16
N VAL A 260 -5.99 8.43 8.85
CA VAL A 260 -6.42 9.04 7.60
C VAL A 260 -5.38 8.78 6.49
N GLY A 261 -5.85 8.24 5.37
CA GLY A 261 -5.03 8.05 4.17
C GLY A 261 -5.32 9.07 3.07
N VAL A 262 -4.26 9.52 2.42
CA VAL A 262 -4.32 10.37 1.27
C VAL A 262 -3.96 9.45 0.11
N LEU A 263 -4.97 9.08 -0.70
CA LEU A 263 -4.73 8.30 -1.91
C LEU A 263 -3.79 9.09 -2.83
N SER A 264 -2.75 8.43 -3.33
CA SER A 264 -1.65 9.11 -4.00
C SER A 264 -1.14 8.34 -5.21
N ALA A 265 -0.62 9.09 -6.17
CA ALA A 265 -0.16 8.53 -7.45
C ALA A 265 1.31 8.81 -7.65
N GLY A 266 2.14 7.75 -7.64
CA GLY A 266 3.58 7.85 -7.88
C GLY A 266 4.02 7.29 -9.23
N ILE A 267 5.19 7.77 -9.70
CA ILE A 267 5.77 7.36 -10.98
C ILE A 267 6.98 6.45 -10.76
N ASN A 268 6.99 5.29 -11.43
CA ASN A 268 8.04 4.28 -11.30
C ASN A 268 9.37 4.89 -11.78
N ALA A 269 10.43 4.64 -11.02
CA ALA A 269 11.74 5.20 -11.35
C ALA A 269 12.27 4.63 -12.67
N ALA A 270 12.01 3.35 -12.92
CA ALA A 270 12.39 2.65 -14.15
C ALA A 270 11.49 2.94 -15.38
N SER A 271 10.46 3.78 -15.25
CA SER A 271 9.57 4.05 -16.37
C SER A 271 10.27 4.88 -17.46
N PRO A 272 10.20 4.43 -18.72
CA PRO A 272 10.65 5.26 -19.83
C PRO A 272 9.64 6.37 -20.23
N ASN A 273 8.43 6.34 -19.65
CA ASN A 273 7.31 7.21 -20.06
C ASN A 273 6.94 8.27 -18.99
N LYS A 274 7.96 8.92 -18.41
CA LYS A 274 7.75 9.82 -17.26
C LYS A 274 7.04 11.13 -17.56
N GLU A 275 7.41 11.78 -18.67
CA GLU A 275 6.74 13.00 -19.15
C GLU A 275 5.26 12.71 -19.50
N LEU A 276 4.99 11.54 -20.08
CA LEU A 276 3.64 11.07 -20.42
C LEU A 276 2.80 10.78 -19.18
N ALA A 277 3.42 10.13 -18.18
CA ALA A 277 2.76 9.92 -16.90
C ALA A 277 2.45 11.26 -16.21
N LYS A 278 3.41 12.18 -16.25
CA LYS A 278 3.21 13.52 -15.67
C LYS A 278 2.02 14.23 -16.35
N GLU A 279 2.00 14.19 -17.68
CA GLU A 279 0.92 14.80 -18.49
C GLU A 279 -0.44 14.23 -18.14
N PHE A 280 -0.51 12.91 -18.12
CA PHE A 280 -1.73 12.22 -17.76
C PHE A 280 -2.27 12.68 -16.41
N LEU A 281 -1.41 12.72 -15.40
CA LEU A 281 -1.89 13.01 -14.03
C LEU A 281 -2.31 14.48 -13.88
N GLU A 282 -1.55 15.38 -14.50
CA GLU A 282 -1.68 16.80 -14.24
C GLU A 282 -2.82 17.41 -15.04
N ASN A 283 -2.96 16.96 -16.29
CA ASN A 283 -3.92 17.52 -17.23
C ASN A 283 -5.14 16.67 -17.50
N TYR A 284 -5.15 15.41 -17.07
CA TYR A 284 -6.28 14.55 -17.36
C TYR A 284 -6.97 14.14 -16.07
N LEU A 285 -6.27 13.43 -15.20
CA LEU A 285 -6.85 12.98 -13.95
C LEU A 285 -7.23 14.10 -12.98
N LEU A 286 -6.30 15.01 -12.72
CA LEU A 286 -6.50 16.05 -11.69
C LEU A 286 -7.19 17.28 -12.26
N THR A 287 -8.37 17.04 -12.83
CA THR A 287 -9.31 18.04 -13.27
C THR A 287 -10.67 17.65 -12.71
N ASP A 288 -11.65 18.53 -12.86
CA ASP A 288 -13.04 18.26 -12.46
C ASP A 288 -13.55 17.02 -13.21
N GLU A 289 -13.40 17.02 -14.54
CA GLU A 289 -13.78 15.89 -15.44
C GLU A 289 -13.16 14.56 -15.03
N GLY A 290 -11.83 14.58 -14.85
CA GLY A 290 -11.07 13.39 -14.49
C GLY A 290 -11.51 12.79 -13.17
N LEU A 291 -11.61 13.62 -12.12
CA LEU A 291 -12.03 13.16 -10.81
C LEU A 291 -13.50 12.75 -10.77
N GLU A 292 -14.37 13.47 -11.48
CA GLU A 292 -15.80 13.10 -11.49
CA GLU A 292 -15.81 13.11 -11.54
C GLU A 292 -15.97 11.70 -12.11
N ALA A 293 -15.24 11.41 -13.18
CA ALA A 293 -15.27 10.07 -13.80
C ALA A 293 -14.84 8.94 -12.83
N VAL A 294 -13.74 9.12 -12.10
CA VAL A 294 -13.37 8.13 -11.10
C VAL A 294 -14.40 8.14 -9.96
N ASN A 295 -14.81 9.33 -9.51
CA ASN A 295 -15.74 9.45 -8.37
C ASN A 295 -17.12 8.82 -8.66
N LYS A 296 -17.53 8.86 -9.92
CA LYS A 296 -18.75 8.19 -10.40
C LYS A 296 -18.70 6.67 -10.24
N ASP A 297 -17.52 6.07 -10.49
CA ASP A 297 -17.35 4.62 -10.36
C ASP A 297 -17.39 4.20 -8.88
N LYS A 298 -16.37 4.56 -8.09
CA LYS A 298 -16.36 4.41 -6.63
C LYS A 298 -15.95 5.75 -6.00
N PRO A 299 -16.71 6.22 -4.98
CA PRO A 299 -16.34 7.54 -4.42
C PRO A 299 -14.98 7.63 -3.69
N LEU A 300 -14.28 8.75 -3.92
CA LEU A 300 -12.89 8.95 -3.47
C LEU A 300 -12.74 9.49 -2.05
N GLY A 301 -13.83 9.97 -1.45
CA GLY A 301 -13.77 10.82 -0.26
C GLY A 301 -13.58 12.29 -0.65
N ALA A 302 -12.94 13.06 0.23
CA ALA A 302 -12.69 14.49 -0.02
C ALA A 302 -11.47 14.59 -0.92
N VAL A 303 -11.64 15.20 -2.07
CA VAL A 303 -10.59 15.23 -3.09
C VAL A 303 -9.62 16.40 -2.90
N ALA A 304 -8.38 16.18 -3.30
CA ALA A 304 -7.31 17.16 -3.12
C ALA A 304 -7.48 18.43 -3.98
N LEU A 305 -8.13 18.29 -5.14
CA LEU A 305 -8.34 19.40 -6.06
C LEU A 305 -9.41 20.36 -5.52
N LYS A 306 -9.00 21.58 -5.20
CA LYS A 306 -9.86 22.55 -4.51
C LYS A 306 -11.14 22.92 -5.28
N SER A 307 -11.04 23.01 -6.60
CA SER A 307 -12.18 23.35 -7.44
C SER A 307 -13.29 22.32 -7.32
N TYR A 308 -12.94 21.04 -7.42
CA TYR A 308 -13.93 19.98 -7.37
C TYR A 308 -14.40 19.66 -5.96
N GLU A 309 -13.57 19.91 -4.95
CA GLU A 309 -13.96 19.73 -3.55
C GLU A 309 -15.01 20.75 -3.09
N GLU A 310 -15.11 21.88 -3.78
CA GLU A 310 -16.22 22.85 -3.57
C GLU A 310 -17.59 22.20 -3.68
N GLU A 311 -17.77 21.40 -4.72
CA GLU A 311 -19.03 20.68 -4.97
C GLU A 311 -19.22 19.54 -3.96
N LEU A 312 -18.22 18.66 -3.81
CA LEU A 312 -18.38 17.46 -2.99
C LEU A 312 -18.63 17.72 -1.50
N ALA A 313 -18.22 18.88 -0.99
CA ALA A 313 -18.42 19.24 0.44
C ALA A 313 -19.87 19.57 0.83
N LYS A 314 -20.76 19.75 -0.15
CA LYS A 314 -22.21 19.88 0.11
C LYS A 314 -22.89 18.53 0.47
N ASP A 315 -22.23 17.43 0.13
CA ASP A 315 -22.70 16.08 0.43
C ASP A 315 -22.53 15.75 1.93
N PRO A 316 -23.65 15.42 2.63
CA PRO A 316 -23.62 15.02 4.04
C PRO A 316 -22.63 13.91 4.38
N ARG A 317 -22.36 13.03 3.41
CA ARG A 317 -21.49 11.88 3.64
C ARG A 317 -20.03 12.31 3.68
N ILE A 318 -19.66 13.26 2.82
CA ILE A 318 -18.33 13.87 2.83
C ILE A 318 -18.12 14.66 4.15
N ALA A 319 -19.16 15.34 4.63
CA ALA A 319 -19.09 16.06 5.92
C ALA A 319 -18.74 15.11 7.08
N ALA A 320 -19.40 13.96 7.11
CA ALA A 320 -19.13 12.89 8.10
C ALA A 320 -17.74 12.27 7.97
N THR A 321 -17.32 12.00 6.73
CA THR A 321 -15.96 11.55 6.44
C THR A 321 -14.94 12.51 7.03
N MET A 322 -15.13 13.80 6.77
CA MET A 322 -14.22 14.84 7.25
C MET A 322 -14.28 15.05 8.77
N GLU A 323 -15.44 14.91 9.39
CA GLU A 323 -15.54 14.91 10.84
C GLU A 323 -14.74 13.73 11.45
N ASN A 324 -14.86 12.56 10.84
CA ASN A 324 -14.09 11.41 11.27
C ASN A 324 -12.57 11.56 11.04
N ALA A 325 -12.17 12.17 9.92
CA ALA A 325 -10.75 12.49 9.70
C ALA A 325 -10.14 13.46 10.75
N GLN A 326 -10.88 14.51 11.12
CA GLN A 326 -10.43 15.46 12.15
C GLN A 326 -10.27 14.87 13.53
N LYS A 327 -11.10 13.89 13.88
CA LYS A 327 -10.95 13.18 15.15
C LYS A 327 -9.71 12.26 15.16
N GLY A 328 -9.29 11.79 13.98
CA GLY A 328 -8.10 10.95 13.86
C GLY A 328 -6.82 11.70 13.50
N GLU A 329 -5.91 10.96 12.86
CA GLU A 329 -4.61 11.48 12.46
C GLU A 329 -4.27 11.03 11.04
N ILE A 330 -3.58 11.89 10.29
CA ILE A 330 -2.98 11.50 9.02
C ILE A 330 -1.87 10.48 9.36
N MET A 331 -1.80 9.40 8.57
CA MET A 331 -0.77 8.38 8.75
C MET A 331 0.64 8.96 8.52
N PRO A 332 1.65 8.40 9.21
CA PRO A 332 3.05 8.67 8.80
C PRO A 332 3.38 8.02 7.47
N ASN A 333 4.33 8.58 6.74
CA ASN A 333 4.80 7.95 5.51
C ASN A 333 6.20 7.33 5.63
N ILE A 334 6.78 7.35 6.83
CA ILE A 334 8.09 6.75 7.07
C ILE A 334 8.17 5.28 6.61
N PRO A 335 9.37 4.81 6.18
CA PRO A 335 9.52 3.43 5.68
C PRO A 335 9.09 2.30 6.64
N GLN A 336 9.05 2.58 7.95
CA GLN A 336 8.65 1.59 8.99
C GLN A 336 7.14 1.35 9.10
N MET A 337 6.33 2.10 8.35
CA MET A 337 4.88 1.97 8.42
C MET A 337 4.36 0.58 8.06
N SER A 338 4.86 0.01 6.98
CA SER A 338 4.48 -1.36 6.61
C SER A 338 4.79 -2.36 7.74
N ALA A 339 5.98 -2.26 8.31
CA ALA A 339 6.39 -3.11 9.42
C ALA A 339 5.43 -2.96 10.60
N PHE A 340 5.03 -1.72 10.90
CA PHE A 340 3.99 -1.46 11.89
C PHE A 340 2.63 -2.16 11.61
N TRP A 341 2.15 -2.03 10.38
CA TRP A 341 0.86 -2.63 10.00
C TRP A 341 0.93 -4.17 10.02
N TYR A 342 2.05 -4.77 9.63
CA TYR A 342 2.19 -6.23 9.75
C TYR A 342 2.16 -6.70 11.18
N ALA A 343 2.77 -5.94 12.08
CA ALA A 343 2.77 -6.27 13.51
C ALA A 343 1.36 -6.21 14.08
N VAL A 344 0.69 -5.08 13.85
CA VAL A 344 -0.71 -4.91 14.33
C VAL A 344 -1.64 -5.97 13.76
N ARG A 345 -1.46 -6.35 12.48
CA ARG A 345 -2.29 -7.39 11.87
CA ARG A 345 -2.29 -7.39 11.86
C ARG A 345 -2.18 -8.71 12.65
N THR A 346 -0.95 -9.16 12.86
CA THR A 346 -0.68 -10.40 13.58
C THR A 346 -1.27 -10.37 14.99
N ALA A 347 -1.11 -9.25 15.70
CA ALA A 347 -1.62 -9.09 17.06
C ALA A 347 -3.16 -9.21 17.17
N VAL A 348 -3.86 -8.54 16.27
CA VAL A 348 -5.32 -8.58 16.25
C VAL A 348 -5.78 -10.00 15.95
N ILE A 349 -5.26 -10.61 14.89
CA ILE A 349 -5.63 -11.98 14.52
C ILE A 349 -5.39 -12.98 15.67
N ASN A 350 -4.26 -12.86 16.37
CA ASN A 350 -3.91 -13.77 17.47
C ASN A 350 -4.77 -13.60 18.72
N ALA A 351 -5.12 -12.36 19.05
CA ALA A 351 -6.01 -12.09 20.18
C ALA A 351 -7.46 -12.47 19.84
N ALA A 352 -7.88 -12.23 18.60
CA ALA A 352 -9.25 -12.51 18.18
C ALA A 352 -9.53 -14.01 18.02
N SER A 353 -8.51 -14.79 17.63
CA SER A 353 -8.66 -16.24 17.49
C SER A 353 -8.52 -16.97 18.82
N GLY A 354 -7.88 -16.33 19.80
CA GLY A 354 -7.71 -16.90 21.14
C GLY A 354 -6.39 -17.60 21.36
N ARG A 355 -5.47 -17.52 20.40
CA ARG A 355 -4.16 -18.18 20.54
C ARG A 355 -3.21 -17.45 21.48
N GLN A 356 -3.49 -16.17 21.77
CA GLN A 356 -2.77 -15.43 22.82
C GLN A 356 -3.73 -14.51 23.60
N THR A 357 -3.30 -14.06 24.77
CA THR A 357 -4.00 -12.99 25.47
C THR A 357 -3.77 -11.64 24.74
N VAL A 358 -4.63 -10.67 25.02
CA VAL A 358 -4.47 -9.31 24.53
C VAL A 358 -3.11 -8.75 24.97
N ASP A 359 -2.75 -9.01 26.23
CA ASP A 359 -1.49 -8.53 26.80
C ASP A 359 -0.25 -9.08 26.09
N ALA A 360 -0.19 -10.41 25.89
CA ALA A 360 0.93 -11.06 25.21
C ALA A 360 1.02 -10.68 23.72
N ALA A 361 -0.13 -10.64 23.06
CA ALA A 361 -0.23 -10.28 21.65
C ALA A 361 0.32 -8.86 21.41
N LEU A 362 -0.13 -7.89 22.22
CA LEU A 362 0.31 -6.50 22.07
C LEU A 362 1.75 -6.25 22.57
N ALA A 363 2.19 -7.00 23.58
CA ALA A 363 3.60 -6.96 24.01
C ALA A 363 4.58 -7.46 22.94
N ALA A 364 4.17 -8.41 22.10
CA ALA A 364 5.04 -8.89 21.01
C ALA A 364 5.16 -7.95 19.78
N ALA A 365 4.40 -6.85 19.74
CA ALA A 365 4.27 -6.05 18.51
C ALA A 365 5.57 -5.38 18.06
N GLN A 366 6.24 -4.70 18.97
CA GLN A 366 7.49 -4.02 18.62
C GLN A 366 8.52 -4.98 18.01
N THR A 367 8.65 -6.17 18.60
CA THR A 367 9.54 -7.24 18.11
C THR A 367 9.18 -7.76 16.73
N ASN A 368 7.88 -7.98 16.49
CA ASN A 368 7.43 -8.48 15.20
C ASN A 368 7.59 -7.44 14.11
N ALA A 369 7.33 -6.18 14.45
CA ALA A 369 7.56 -5.06 13.55
C ALA A 369 9.05 -4.96 13.12
N ALA A 370 9.97 -5.07 14.08
CA ALA A 370 11.42 -5.12 13.79
C ALA A 370 11.82 -6.25 12.85
N ALA A 371 11.28 -7.44 13.10
CA ALA A 371 11.48 -8.57 12.19
C ALA A 371 11.02 -8.21 10.78
N ALA A 372 9.82 -7.64 10.67
CA ALA A 372 9.29 -7.25 9.36
C ALA A 372 10.17 -6.20 8.67
N TYR A 373 10.69 -5.25 9.45
CA TYR A 373 11.52 -4.19 8.90
C TYR A 373 12.88 -4.70 8.38
N GLN A 374 13.42 -5.68 9.10
CA GLN A 374 14.67 -6.34 8.72
C GLN A 374 14.53 -7.03 7.38
N ASN A 375 13.37 -7.67 7.14
CA ASN A 375 13.13 -8.27 5.83
C ASN A 375 13.10 -7.24 4.73
N TYR A 376 12.44 -6.11 4.98
CA TYR A 376 12.35 -5.00 4.03
C TYR A 376 13.75 -4.47 3.71
N ILE A 377 14.57 -4.24 4.73
CA ILE A 377 15.95 -3.82 4.48
C ILE A 377 16.68 -4.80 3.57
N ALA A 378 16.62 -6.09 3.94
CA ALA A 378 17.26 -7.16 3.17
C ALA A 378 16.75 -7.24 1.72
N LYS A 379 15.42 -7.23 1.52
CA LYS A 379 14.83 -7.18 0.16
C LYS A 379 15.33 -5.99 -0.66
N SER A 380 15.45 -4.85 0.00
CA SER A 380 15.88 -3.60 -0.64
C SER A 380 17.35 -3.65 -1.09
N GLN A 381 18.24 -4.12 -0.22
CA GLN A 381 19.65 -4.28 -0.56
C GLN A 381 19.88 -5.30 -1.68
N ALA A 382 19.10 -6.39 -1.67
CA ALA A 382 19.20 -7.43 -2.70
C ALA A 382 18.85 -6.99 -4.13
N SER A 383 18.01 -5.96 -4.26
CA SER A 383 17.64 -5.42 -5.58
C SER A 383 18.81 -4.83 -6.37
N GLU A 384 19.88 -4.41 -5.69
CA GLU A 384 21.09 -3.92 -6.35
C GLU A 384 21.65 -4.92 -7.36
N ALA A 385 21.49 -6.21 -7.07
CA ALA A 385 21.88 -7.28 -8.00
C ALA A 385 21.26 -7.10 -9.40
N PHE A 386 20.00 -6.71 -9.46
CA PHE A 386 19.29 -6.59 -10.75
C PHE A 386 19.59 -5.30 -11.48
N THR A 387 20.00 -4.25 -10.76
CA THR A 387 20.46 -3.02 -11.41
C THR A 387 21.86 -3.20 -12.00
N LEU A 388 22.78 -3.78 -11.23
CA LEU A 388 24.12 -4.08 -11.75
C LEU A 388 24.12 -5.09 -12.89
N ALA A 389 23.25 -6.10 -12.80
CA ALA A 389 23.07 -7.08 -13.90
C ALA A 389 22.59 -6.45 -15.21
N ASP A 390 21.69 -5.46 -15.09
CA ASP A 390 21.13 -4.73 -16.24
C ASP A 390 22.22 -4.05 -17.10
N GLY A 391 23.17 -3.38 -16.46
CA GLY A 391 24.30 -2.78 -17.17
C GLY A 391 25.28 -3.81 -17.72
N LEU A 392 25.46 -4.89 -16.97
CA LEU A 392 26.35 -6.01 -17.37
C LEU A 392 25.86 -6.79 -18.60
N LYS A 393 24.55 -6.95 -18.75
CA LYS A 393 24.00 -7.72 -19.89
C LYS A 393 24.17 -7.04 -21.26
N THR A 394 24.38 -5.72 -21.28
CA THR A 394 24.68 -5.00 -22.52
C THR A 394 26.15 -5.26 -22.89
N THR A 395 27.01 -5.29 -21.88
CA THR A 395 28.40 -5.68 -22.04
C THR A 395 28.58 -7.15 -22.52
N ILE A 396 27.65 -8.03 -22.15
CA ILE A 396 27.62 -9.39 -22.71
C ILE A 396 27.35 -9.29 -24.20
N ASN A 397 26.33 -8.50 -24.53
CA ASN A 397 25.86 -8.28 -25.91
C ASN A 397 26.90 -7.60 -26.81
N THR A 398 27.77 -6.77 -26.24
CA THR A 398 28.88 -6.17 -26.98
C THR A 398 30.11 -7.11 -27.08
N ASN A 399 30.42 -7.84 -26.00
CA ASN A 399 31.55 -8.79 -25.99
C ASN A 399 31.39 -9.96 -26.97
N LEU A 400 30.14 -10.41 -27.16
CA LEU A 400 29.86 -11.62 -27.95
C LEU A 400 30.26 -11.53 -29.42
N GLN A 401 30.40 -10.31 -29.94
CA GLN A 401 30.90 -10.10 -31.32
C GLN A 401 32.30 -10.69 -31.58
N ALA A 402 33.09 -10.90 -30.52
CA ALA A 402 34.34 -11.64 -30.62
C ALA A 402 34.21 -13.15 -30.31
N GLY A 403 32.98 -13.65 -30.17
CA GLY A 403 32.73 -15.06 -29.88
C GLY A 403 33.10 -15.49 -28.48
N THR A 404 32.68 -14.69 -27.50
CA THR A 404 32.99 -14.96 -26.09
C THR A 404 32.15 -14.06 -25.17
N CYS A 405 31.87 -14.55 -23.96
CA CYS A 405 31.19 -13.74 -22.94
C CYS A 405 32.07 -12.61 -22.42
N PHE A 406 33.39 -12.81 -22.50
CA PHE A 406 34.37 -12.00 -21.78
C PHE A 406 35.05 -10.92 -22.64
N ALA A 407 35.82 -10.07 -21.97
CA ALA A 407 36.31 -8.77 -22.46
C ALA A 407 36.68 -8.64 -23.95
N GLY A 408 35.96 -7.76 -24.64
CA GLY A 408 36.32 -7.25 -25.96
C GLY A 408 36.63 -8.33 -26.98
N GLY A 409 37.90 -8.74 -27.01
CA GLY A 409 38.34 -9.82 -27.89
C GLY A 409 37.95 -11.20 -27.38
N ALA A 410 38.49 -12.22 -28.05
CA ALA A 410 38.13 -13.63 -27.78
C ALA A 410 38.78 -14.17 -26.50
N THR A 411 38.66 -13.43 -25.39
CA THR A 411 39.39 -13.78 -24.16
C THR A 411 38.77 -14.98 -23.44
N ALA A 412 39.64 -15.80 -22.87
CA ALA A 412 39.27 -17.07 -22.26
C ALA A 412 38.64 -16.92 -20.86
N VAL A 413 39.13 -15.95 -20.07
CA VAL A 413 38.64 -15.72 -18.70
C VAL A 413 38.16 -14.27 -18.51
N THR A 414 37.29 -14.08 -17.52
CA THR A 414 36.78 -12.75 -17.13
C THR A 414 37.92 -11.75 -16.80
N ALA A 415 37.84 -10.56 -17.39
CA ALA A 415 38.95 -9.60 -17.38
C ALA A 415 38.44 -8.17 -17.54
N ALA A 416 38.31 -7.46 -16.42
CA ALA A 416 37.62 -6.16 -16.36
C ALA A 416 36.24 -6.25 -17.03
N ASP A 417 35.49 -7.30 -16.66
CA ASP A 417 34.07 -7.49 -16.96
C ASP A 417 33.29 -7.52 -15.63
N LYS A 418 33.76 -6.73 -14.67
CA LYS A 418 33.25 -6.71 -13.31
C LYS A 418 32.73 -5.32 -13.00
N VAL A 419 31.98 -5.21 -11.91
CA VAL A 419 31.53 -3.94 -11.40
C VAL A 419 31.27 -4.05 -9.89
N SER A 420 31.58 -2.98 -9.16
CA SER A 420 31.40 -2.91 -7.71
C SER A 420 30.11 -2.18 -7.39
N GLY A 421 29.45 -2.64 -6.33
CA GLY A 421 28.23 -2.00 -5.82
C GLY A 421 28.43 -1.62 -4.38
N LYS A 422 27.40 -1.06 -3.77
CA LYS A 422 27.43 -0.75 -2.34
C LYS A 422 27.38 -2.01 -1.43
N TYR A 423 26.61 -3.03 -1.83
CA TYR A 423 26.39 -4.22 -0.99
C TYR A 423 27.03 -5.51 -1.51
N GLY A 424 27.79 -5.42 -2.59
CA GLY A 424 28.35 -6.61 -3.23
C GLY A 424 28.87 -6.32 -4.62
N ASP A 425 29.48 -7.33 -5.24
CA ASP A 425 30.12 -7.17 -6.56
C ASP A 425 29.62 -8.23 -7.56
N ALA A 426 29.54 -7.85 -8.83
CA ALA A 426 28.98 -8.70 -9.89
C ALA A 426 29.98 -8.91 -11.01
N GLU A 427 30.01 -10.12 -11.53
CA GLU A 427 30.86 -10.46 -12.67
C GLU A 427 30.15 -11.36 -13.66
N ILE A 428 30.64 -11.31 -14.89
CA ILE A 428 30.20 -12.16 -15.99
C ILE A 428 30.88 -13.52 -15.90
N GLY A 429 30.16 -14.56 -16.29
CA GLY A 429 30.67 -15.93 -16.33
C GLY A 429 30.12 -16.74 -17.49
N GLY A 430 30.39 -18.04 -17.44
CA GLY A 430 29.91 -18.98 -18.45
C GLY A 430 30.78 -19.04 -19.68
N SER A 431 30.22 -19.54 -20.78
CA SER A 431 30.96 -19.72 -22.04
C SER A 431 30.02 -20.01 -23.21
N ALA A 432 30.60 -20.06 -24.42
CA ALA A 432 29.88 -20.41 -25.67
C ALA A 432 28.76 -19.37 -25.95
N PRO A 433 27.48 -19.78 -26.16
CA PRO A 433 26.47 -18.73 -25.98
C PRO A 433 25.73 -18.76 -24.63
N ASN A 434 26.27 -19.49 -23.65
CA ASN A 434 25.61 -19.69 -22.34
C ASN A 434 26.19 -18.80 -21.25
N CYS A 435 25.94 -17.49 -21.39
CA CYS A 435 26.57 -16.48 -20.53
C CYS A 435 25.77 -16.26 -19.24
N THR A 436 26.48 -16.21 -18.12
CA THR A 436 25.88 -15.96 -16.81
C THR A 436 26.37 -14.64 -16.20
N ILE A 437 25.66 -14.23 -15.14
CA ILE A 437 26.05 -13.10 -14.31
C ILE A 437 25.91 -13.56 -12.87
N THR A 438 26.98 -13.40 -12.10
CA THR A 438 26.97 -13.69 -10.68
C THR A 438 27.18 -12.40 -9.90
N TYR A 439 26.34 -12.18 -8.90
CA TYR A 439 26.45 -11.09 -7.95
C TYR A 439 26.67 -11.71 -6.58
N THR A 440 27.78 -11.35 -5.94
CA THR A 440 28.16 -11.87 -4.62
C THR A 440 28.05 -10.77 -3.58
N PHE A 441 27.27 -11.01 -2.52
CA PHE A 441 27.18 -10.06 -1.42
C PHE A 441 28.48 -10.00 -0.61
N LYS A 442 28.68 -8.86 0.05
CA LYS A 442 29.80 -8.68 0.98
C LYS A 442 29.57 -9.52 2.22
N SER A 443 30.68 -9.93 2.85
CA SER A 443 30.64 -10.71 4.10
C SER A 443 30.18 -9.92 5.34
N SER A 444 30.27 -8.59 5.26
CA SER A 444 29.67 -7.70 6.27
C SER A 444 29.15 -6.42 5.63
N GLY A 445 28.50 -5.58 6.43
CA GLY A 445 28.00 -4.28 5.97
C GLY A 445 26.67 -4.35 5.22
N VAL A 446 25.94 -5.43 5.46
CA VAL A 446 24.73 -5.75 4.70
C VAL A 446 24.01 -6.75 5.58
N SER A 447 22.70 -6.86 5.47
CA SER A 447 21.92 -7.82 6.29
C SER A 447 22.61 -9.19 6.47
N ASN A 448 22.61 -9.73 7.69
CA ASN A 448 23.19 -11.05 7.97
C ASN A 448 22.48 -12.20 7.24
N LYS A 449 21.31 -11.91 6.69
CA LYS A 449 20.55 -12.86 5.86
C LYS A 449 21.20 -13.00 4.48
N LEU A 450 21.91 -11.95 4.04
CA LEU A 450 22.53 -11.88 2.70
C LEU A 450 24.07 -12.05 2.69
N THR A 451 24.73 -11.76 3.82
CA THR A 451 26.20 -11.83 3.88
C THR A 451 26.76 -13.11 3.25
N SER A 452 27.67 -12.93 2.30
CA SER A 452 28.36 -14.01 1.59
C SER A 452 27.50 -14.93 0.71
N THR A 453 26.23 -14.57 0.44
CA THR A 453 25.45 -15.33 -0.52
C THR A 453 25.70 -14.79 -1.94
N LYS A 454 25.29 -15.56 -2.93
CA LYS A 454 25.36 -15.14 -4.34
C LYS A 454 24.03 -15.33 -5.03
N ILE A 455 23.81 -14.51 -6.05
CA ILE A 455 22.73 -14.67 -7.01
C ILE A 455 23.40 -14.90 -8.36
N VAL A 456 23.10 -16.06 -8.95
CA VAL A 456 23.60 -16.43 -10.27
C VAL A 456 22.42 -16.32 -11.25
N MET A 457 22.69 -15.78 -12.43
CA MET A 457 21.66 -15.54 -13.42
C MET A 457 22.10 -16.11 -14.76
N ASN A 458 21.19 -16.79 -15.44
CA ASN A 458 21.37 -17.13 -16.85
C ASN A 458 20.81 -15.96 -17.66
N VAL A 459 21.42 -15.73 -18.81
CA VAL A 459 21.08 -14.61 -19.70
C VAL A 459 20.80 -15.20 -21.08
N SER A 460 19.54 -15.22 -21.48
CA SER A 460 19.13 -15.79 -22.78
C SER A 460 19.57 -14.91 -23.97
N GLU A 461 19.34 -15.43 -25.18
CA GLU A 461 19.61 -14.72 -26.45
C GLU A 461 18.92 -13.35 -26.43
N THR A 462 17.62 -13.37 -26.12
CA THR A 462 16.80 -12.17 -26.00
C THR A 462 17.25 -11.20 -24.89
N GLY A 463 17.82 -11.74 -23.80
CA GLY A 463 18.35 -10.94 -22.69
C GLY A 463 17.50 -10.89 -21.44
N ILE A 464 16.73 -11.94 -21.17
CA ILE A 464 15.99 -12.05 -19.91
C ILE A 464 16.88 -12.73 -18.86
N LEU A 465 16.77 -12.26 -17.61
CA LEU A 465 17.48 -12.85 -16.47
C LEU A 465 16.64 -13.94 -15.80
N THR A 466 17.17 -15.17 -15.75
CA THR A 466 16.51 -16.29 -15.06
C THR A 466 17.41 -16.87 -13.98
N LYS A 467 16.79 -17.50 -12.97
CA LYS A 467 17.52 -18.02 -11.80
C LYS A 467 18.30 -19.29 -12.12
N ASN A 468 19.61 -19.22 -11.90
CA ASN A 468 20.55 -20.34 -12.02
C ASN A 468 20.58 -21.03 -10.66
N SER A 469 20.69 -22.36 -10.65
CA SER A 469 20.58 -23.15 -9.41
C SER A 469 21.76 -22.96 -8.48
N GLY A 470 22.87 -22.40 -8.97
CA GLY A 470 23.95 -21.93 -8.11
C GLY A 470 23.59 -20.82 -7.13
N THR A 471 22.47 -20.12 -7.34
CA THR A 471 22.02 -19.09 -6.42
C THR A 471 21.81 -19.68 -5.02
N ASP A 472 22.33 -19.02 -3.99
CA ASP A 472 22.02 -19.39 -2.60
C ASP A 472 21.49 -18.25 -1.72
N THR A 473 21.38 -17.04 -2.25
CA THR A 473 20.69 -15.95 -1.57
C THR A 473 19.27 -16.44 -1.24
N PRO A 474 18.78 -16.20 0.02
CA PRO A 474 17.48 -16.76 0.41
C PRO A 474 16.34 -16.45 -0.58
N VAL A 475 15.66 -17.50 -1.01
CA VAL A 475 14.69 -17.41 -2.09
C VAL A 475 13.55 -16.43 -1.76
N GLU A 476 13.16 -16.37 -0.50
CA GLU A 476 12.12 -15.45 -0.02
C GLU A 476 12.52 -13.96 0.04
N LEU A 477 13.78 -13.63 -0.19
CA LEU A 477 14.21 -12.23 -0.25
C LEU A 477 14.29 -11.73 -1.71
N LEU A 478 14.12 -12.64 -2.66
CA LEU A 478 14.24 -12.35 -4.08
C LEU A 478 12.86 -12.08 -4.69
N PRO A 479 12.81 -11.31 -5.81
CA PRO A 479 11.56 -11.14 -6.57
C PRO A 479 10.92 -12.49 -6.95
N GLN A 480 9.63 -12.63 -6.73
CA GLN A 480 8.94 -13.90 -6.99
C GLN A 480 9.08 -14.32 -8.47
N SER A 481 9.04 -13.36 -9.40
CA SER A 481 9.18 -13.66 -10.84
C SER A 481 10.51 -14.35 -11.15
N PHE A 482 11.60 -13.79 -10.62
CA PHE A 482 12.94 -14.35 -10.77
C PHE A 482 13.02 -15.75 -10.17
N VAL A 483 12.52 -15.90 -8.94
CA VAL A 483 12.44 -17.21 -8.27
C VAL A 483 11.69 -18.23 -9.15
N ALA A 484 10.53 -17.82 -9.65
CA ALA A 484 9.69 -18.65 -10.52
C ALA A 484 10.37 -19.08 -11.84
N SER A 485 11.34 -18.32 -12.32
CA SER A 485 12.14 -18.77 -13.47
C SER A 485 13.09 -19.94 -13.17
N GLY A 486 13.28 -20.28 -11.89
CA GLY A 486 14.01 -21.49 -11.49
C GLY A 486 13.29 -22.25 -10.39
#